data_8RF8
#
_entry.id   8RF8
#
_cell.length_a   36.834
_cell.length_b   36.834
_cell.length_c   140.874
_cell.angle_alpha   90.00
_cell.angle_beta   90.00
_cell.angle_gamma   90.00
#
_symmetry.space_group_name_H-M   'P 43 21 2'
#
loop_
_entity.id
_entity.type
_entity.pdbx_description
1 polymer 'Host translation inhibitor nsp1'
2 non-polymer 6-bromanyl-1,3-benzothiazol-2-amine
3 water water
#
_entity_poly.entity_id   1
_entity_poly.type   'polypeptide(L)'
_entity_poly.pdbx_seq_one_letter_code
;MEKTHVQLSLPVLQVRDVLVRGFGDSVEEVLSEARQHLKDGTCGLVEVEKGVLPQLEQPYVFIKRSDARTAPHGHVMVEL
VAELEGIQYGRSGETLGVLVPHVGEIPVAYRKVLLRKN
;
_entity_poly.pdbx_strand_id   A
#
loop_
_chem_comp.id
_chem_comp.type
_chem_comp.name
_chem_comp.formula
A1H0M non-polymer 6-bromanyl-1,3-benzothiazol-2-amine 'C7 H5 Br N2 S'
#
# COMPACT_ATOMS: atom_id res chain seq x y z
N MET A 1 19.39 -9.94 5.75
CA MET A 1 20.22 -8.96 5.06
C MET A 1 19.35 -7.88 4.41
N GLU A 2 18.04 -8.02 4.61
CA GLU A 2 17.09 -7.02 4.15
C GLU A 2 17.38 -5.72 4.88
N LYS A 3 17.60 -4.64 4.13
CA LYS A 3 17.67 -3.33 4.76
C LYS A 3 16.34 -3.01 5.44
N THR A 4 16.36 -2.10 6.41
CA THR A 4 15.11 -1.81 7.13
C THR A 4 14.11 -1.03 6.29
N HIS A 5 14.58 -0.23 5.33
CA HIS A 5 13.71 0.59 4.51
C HIS A 5 14.18 0.46 3.07
N VAL A 6 13.24 0.59 2.15
CA VAL A 6 13.55 0.52 0.71
C VAL A 6 12.81 1.63 -0.01
N GLN A 7 13.54 2.28 -0.92
CA GLN A 7 12.96 3.34 -1.76
C GLN A 7 12.20 2.69 -2.93
N LEU A 8 10.94 3.08 -3.10
CA LEU A 8 10.09 2.52 -4.15
C LEU A 8 9.31 3.66 -4.78
N SER A 9 9.03 3.53 -6.07
CA SER A 9 8.08 4.41 -6.75
C SER A 9 6.85 3.57 -7.11
N LEU A 10 5.69 3.88 -6.48
CA LEU A 10 4.54 2.99 -6.67
C LEU A 10 3.61 3.57 -7.71
N PRO A 11 3.11 2.78 -8.66
CA PRO A 11 2.08 3.30 -9.59
C PRO A 11 0.77 3.56 -8.87
N VAL A 12 0.20 4.73 -9.11
CA VAL A 12 -1.08 5.12 -8.53
C VAL A 12 -2.17 4.75 -9.52
N LEU A 13 -3.15 3.96 -9.09
CA LEU A 13 -4.18 3.41 -9.97
C LEU A 13 -5.55 4.00 -9.62
N GLN A 14 -6.38 4.21 -10.63
CA GLN A 14 -7.76 4.57 -10.35
CA GLN A 14 -7.77 4.57 -10.37
C GLN A 14 -8.55 3.33 -9.96
N VAL A 15 -9.43 3.48 -8.98
CA VAL A 15 -10.12 2.33 -8.40
C VAL A 15 -10.88 1.52 -9.45
N ARG A 16 -11.52 2.19 -10.40
CA ARG A 16 -12.30 1.48 -11.41
C ARG A 16 -11.45 0.70 -12.39
N ASP A 17 -10.14 0.96 -12.47
CA ASP A 17 -9.25 0.17 -13.32
C ASP A 17 -8.74 -1.11 -12.65
N VAL A 18 -8.83 -1.22 -11.32
CA VAL A 18 -8.12 -2.29 -10.60
C VAL A 18 -8.78 -3.64 -10.90
N LEU A 19 -8.00 -4.60 -11.37
CA LEU A 19 -8.54 -5.92 -11.72
C LEU A 19 -8.54 -6.87 -10.53
N VAL A 20 -7.53 -6.82 -9.66
CA VAL A 20 -7.45 -7.69 -8.49
C VAL A 20 -7.56 -6.76 -7.27
N ARG A 21 -8.71 -6.78 -6.59
CA ARG A 21 -9.08 -5.73 -5.64
C ARG A 21 -8.61 -5.95 -4.21
N GLY A 22 -7.71 -6.89 -4.03
CA GLY A 22 -7.14 -7.12 -2.70
C GLY A 22 -6.06 -8.18 -2.74
N PHE A 23 -5.46 -8.46 -1.60
CA PHE A 23 -4.31 -9.41 -1.58
C PHE A 23 -4.66 -10.76 -0.97
N GLY A 24 -5.88 -10.92 -0.47
CA GLY A 24 -6.16 -12.19 0.23
C GLY A 24 -7.29 -12.14 1.22
N ASP A 25 -7.34 -13.15 2.09
CA ASP A 25 -8.55 -13.38 2.90
C ASP A 25 -8.35 -13.24 4.40
N SER A 26 -7.17 -12.86 4.84
CA SER A 26 -6.89 -12.73 6.28
C SER A 26 -5.85 -11.62 6.47
N VAL A 27 -5.79 -11.12 7.69
CA VAL A 27 -4.85 -10.04 7.96
C VAL A 27 -3.42 -10.47 7.66
N GLU A 28 -3.04 -11.65 8.14
CA GLU A 28 -1.66 -12.09 7.92
C GLU A 28 -1.38 -12.36 6.45
N GLU A 29 -2.37 -12.86 5.74
CA GLU A 29 -2.17 -13.14 4.29
C GLU A 29 -2.01 -11.83 3.53
N VAL A 30 -2.85 -10.85 3.80
CA VAL A 30 -2.78 -9.61 2.96
C VAL A 30 -1.44 -8.87 3.24
N LEU A 31 -0.97 -8.87 4.47
CA LEU A 31 0.31 -8.24 4.76
C LEU A 31 1.45 -8.98 4.07
N SER A 32 1.41 -10.32 4.15
CA SER A 32 2.41 -11.15 3.50
C SER A 32 2.43 -10.92 1.98
N GLU A 33 1.26 -11.00 1.34
CA GLU A 33 1.18 -10.84 -0.10
CA GLU A 33 1.17 -10.83 -0.10
C GLU A 33 1.56 -9.43 -0.53
N ALA A 34 1.15 -8.42 0.24
CA ALA A 34 1.55 -7.05 -0.10
C ALA A 34 3.07 -6.93 -0.10
N ARG A 35 3.70 -7.44 0.95
CA ARG A 35 5.20 -7.43 0.97
CA ARG A 35 5.19 -7.42 0.97
C ARG A 35 5.88 -8.15 -0.24
N GLN A 36 5.30 -9.30 -0.60
CA GLN A 36 5.86 -10.02 -1.74
C GLN A 36 5.68 -9.22 -3.03
N HIS A 37 4.51 -8.63 -3.22
CA HIS A 37 4.28 -7.85 -4.44
C HIS A 37 5.12 -6.59 -4.47
N LEU A 38 5.36 -5.96 -3.31
CA LEU A 38 6.28 -4.84 -3.26
C LEU A 38 7.68 -5.28 -3.69
N LYS A 39 8.15 -6.43 -3.20
CA LYS A 39 9.46 -6.95 -3.58
C LYS A 39 9.54 -7.27 -5.07
N ASP A 40 8.43 -7.72 -5.67
CA ASP A 40 8.39 -8.14 -7.06
C ASP A 40 8.10 -6.99 -8.02
N GLY A 41 7.80 -5.80 -7.51
CA GLY A 41 7.47 -4.66 -8.34
C GLY A 41 6.09 -4.74 -8.94
N THR A 42 5.16 -5.43 -8.26
CA THR A 42 3.84 -5.69 -8.81
C THR A 42 2.75 -5.23 -7.83
N CYS A 43 2.98 -4.09 -7.21
CA CYS A 43 2.06 -3.50 -6.24
C CYS A 43 1.71 -2.09 -6.68
N GLY A 44 0.42 -1.78 -6.68
CA GLY A 44 -0.08 -0.45 -6.95
C GLY A 44 -0.68 0.18 -5.70
N LEU A 45 -1.05 1.46 -5.86
CA LEU A 45 -1.57 2.29 -4.78
CA LEU A 45 -1.57 2.29 -4.78
C LEU A 45 -2.83 2.97 -5.28
N VAL A 46 -3.92 2.88 -4.50
CA VAL A 46 -5.13 3.62 -4.78
C VAL A 46 -5.33 4.67 -3.70
N GLU A 47 -5.49 5.92 -4.11
CA GLU A 47 -5.73 6.99 -3.15
C GLU A 47 -7.16 6.94 -2.65
N VAL A 48 -7.34 7.14 -1.34
CA VAL A 48 -8.65 6.96 -0.72
C VAL A 48 -9.46 8.25 -0.81
N GLU A 49 -10.63 8.16 -1.45
CA GLU A 49 -11.68 9.16 -1.47
C GLU A 49 -12.99 8.45 -1.16
N LYS A 50 -14.07 9.22 -1.01
CA LYS A 50 -15.38 8.61 -0.82
C LYS A 50 -15.67 7.64 -1.96
N GLY A 51 -16.21 6.46 -1.61
CA GLY A 51 -16.56 5.44 -2.57
C GLY A 51 -15.46 4.44 -2.89
N VAL A 52 -14.23 4.71 -2.46
CA VAL A 52 -13.12 3.86 -2.87
C VAL A 52 -13.12 2.54 -2.10
N LEU A 53 -13.08 2.62 -0.77
CA LEU A 53 -13.01 1.38 0.01
C LEU A 53 -14.14 0.39 -0.27
N PRO A 54 -15.40 0.80 -0.42
CA PRO A 54 -16.45 -0.19 -0.75
C PRO A 54 -16.29 -0.84 -2.11
N GLN A 55 -15.46 -0.30 -3.00
CA GLN A 55 -15.14 -0.91 -4.28
C GLN A 55 -13.94 -1.83 -4.21
N LEU A 56 -13.30 -1.96 -3.06
CA LEU A 56 -12.16 -2.85 -2.88
C LEU A 56 -12.54 -3.94 -1.87
N GLU A 57 -11.66 -4.94 -1.70
CA GLU A 57 -11.96 -6.13 -0.91
C GLU A 57 -11.18 -6.14 0.40
N GLN A 58 -11.87 -6.42 1.49
CA GLN A 58 -11.24 -6.55 2.83
C GLN A 58 -10.62 -7.95 2.93
N PRO A 59 -9.62 -8.17 3.79
CA PRO A 59 -8.93 -7.10 4.48
C PRO A 59 -8.15 -6.09 3.61
N TYR A 60 -8.10 -4.84 4.04
CA TYR A 60 -7.37 -3.80 3.32
C TYR A 60 -5.95 -3.73 3.86
N VAL A 61 -5.01 -3.37 2.98
CA VAL A 61 -3.65 -2.98 3.36
C VAL A 61 -3.43 -1.51 3.03
N PHE A 62 -3.18 -0.71 4.06
CA PHE A 62 -2.87 0.69 3.86
C PHE A 62 -1.37 0.94 4.00
N ILE A 63 -0.88 1.94 3.29
CA ILE A 63 0.41 2.53 3.68
C ILE A 63 0.15 3.84 4.39
N LYS A 64 0.80 4.01 5.53
CA LYS A 64 0.58 5.14 6.40
C LYS A 64 1.93 5.79 6.72
N ARG A 65 1.91 7.11 6.91
CA ARG A 65 3.14 7.85 7.14
C ARG A 65 3.70 7.48 8.52
N SER A 66 4.99 7.16 8.58
CA SER A 66 5.59 6.69 9.82
C SER A 66 6.36 7.75 10.60
N ASP A 67 6.66 8.90 9.99
CA ASP A 67 7.37 9.99 10.74
C ASP A 67 7.09 11.39 10.14
N ALA A 68 7.82 12.43 10.60
CA ALA A 68 7.53 13.81 10.13
C ALA A 68 8.73 14.52 9.52
N ARG A 69 9.93 14.02 9.73
CA ARG A 69 11.13 14.73 9.23
C ARG A 69 11.84 13.92 8.15
N THR A 70 11.41 12.68 7.94
CA THR A 70 12.14 11.85 7.01
C THR A 70 11.46 11.83 5.67
N ALA A 71 11.91 12.65 4.75
CA ALA A 71 11.42 12.51 3.37
C ALA A 71 12.69 12.32 2.58
N PRO A 72 13.52 11.33 2.95
CA PRO A 72 14.83 11.22 2.36
C PRO A 72 14.74 11.07 0.88
N HIS A 73 15.50 11.89 0.16
CA HIS A 73 15.60 11.74 -1.31
C HIS A 73 14.22 11.88 -1.96
N GLY A 74 13.35 12.65 -1.32
CA GLY A 74 12.02 12.90 -1.92
C GLY A 74 11.00 11.80 -1.64
N HIS A 75 11.36 10.79 -0.83
CA HIS A 75 10.46 9.64 -0.53
C HIS A 75 9.90 9.73 0.90
N VAL A 76 8.59 9.73 1.03
CA VAL A 76 7.96 9.81 2.37
C VAL A 76 8.09 8.46 3.08
N MET A 77 8.50 8.48 4.33
CA MET A 77 8.59 7.21 5.12
CA MET A 77 8.59 7.21 5.13
C MET A 77 7.18 6.65 5.50
N VAL A 78 7.00 5.37 5.18
CA VAL A 78 5.70 4.74 5.35
C VAL A 78 5.85 3.35 5.95
N GLU A 79 4.76 2.85 6.50
CA GLU A 79 4.69 1.47 6.98
C GLU A 79 3.31 0.90 6.66
N LEU A 80 3.21 -0.43 6.72
CA LEU A 80 1.99 -1.15 6.35
C LEU A 80 1.08 -1.37 7.56
N VAL A 81 -0.21 -1.14 7.37
CA VAL A 81 -1.22 -1.41 8.40
C VAL A 81 -2.42 -2.05 7.72
N ALA A 82 -2.92 -3.16 8.27
CA ALA A 82 -4.05 -3.88 7.70
C ALA A 82 -5.33 -3.57 8.48
N GLU A 83 -6.47 -3.75 7.82
CA GLU A 83 -7.77 -3.49 8.44
C GLU A 83 -8.76 -4.57 8.04
N LEU A 84 -9.50 -5.08 9.03
CA LEU A 84 -10.55 -6.05 8.79
C LEU A 84 -11.66 -5.76 9.77
N GLU A 85 -12.86 -5.55 9.23
CA GLU A 85 -14.05 -5.35 10.07
C GLU A 85 -13.87 -4.22 11.08
N GLY A 86 -13.23 -3.14 10.63
CA GLY A 86 -13.05 -1.95 11.44
C GLY A 86 -11.94 -2.01 12.46
N ILE A 87 -11.19 -3.11 12.53
CA ILE A 87 -10.08 -3.23 13.46
C ILE A 87 -8.79 -3.16 12.64
N GLN A 88 -7.83 -2.38 13.14
CA GLN A 88 -6.56 -2.19 12.46
C GLN A 88 -5.43 -2.87 13.21
N TYR A 89 -4.50 -3.35 12.43
CA TYR A 89 -3.41 -4.19 12.89
C TYR A 89 -2.15 -3.39 12.54
N GLY A 90 -1.63 -2.69 13.55
CA GLY A 90 -0.64 -1.62 13.54
C GLY A 90 -1.28 -0.28 13.87
N ARG A 91 -0.45 0.65 14.36
CA ARG A 91 -0.87 2.04 14.53
C ARG A 91 0.19 2.92 13.86
N SER A 92 -0.26 3.88 13.07
CA SER A 92 0.68 4.71 12.31
C SER A 92 0.03 6.07 12.03
N GLY A 93 0.63 6.82 11.13
CA GLY A 93 0.17 8.16 10.77
C GLY A 93 -0.86 8.18 9.66
N GLU A 94 -0.89 9.29 8.93
CA GLU A 94 -1.89 9.54 7.89
C GLU A 94 -1.79 8.53 6.75
N THR A 95 -2.94 8.13 6.24
CA THR A 95 -3.00 7.19 5.12
C THR A 95 -2.60 7.85 3.82
N LEU A 96 -1.69 7.21 3.08
CA LEU A 96 -1.37 7.66 1.73
C LEU A 96 -2.23 6.95 0.70
N GLY A 97 -2.67 5.73 0.98
CA GLY A 97 -3.58 5.04 0.10
C GLY A 97 -3.66 3.57 0.50
N VAL A 98 -4.44 2.84 -0.32
CA VAL A 98 -4.61 1.40 -0.14
CA VAL A 98 -4.62 1.40 -0.14
C VAL A 98 -3.80 0.68 -1.21
N LEU A 99 -3.06 -0.34 -0.81
CA LEU A 99 -2.27 -1.12 -1.75
C LEU A 99 -3.10 -2.24 -2.39
N VAL A 100 -2.85 -2.51 -3.67
CA VAL A 100 -3.51 -3.58 -4.42
C VAL A 100 -2.48 -4.21 -5.34
N PRO A 101 -2.70 -5.46 -5.77
CA PRO A 101 -1.86 -6.03 -6.83
C PRO A 101 -1.93 -5.15 -8.07
N HIS A 102 -0.80 -5.07 -8.76
CA HIS A 102 -0.73 -4.39 -10.04
C HIS A 102 -0.48 -5.44 -11.11
N VAL A 103 -1.41 -5.54 -12.06
CA VAL A 103 -1.35 -6.53 -13.12
C VAL A 103 -1.36 -5.86 -14.50
N GLY A 104 -0.76 -4.69 -14.61
CA GLY A 104 -0.64 -4.06 -15.90
C GLY A 104 -1.57 -2.88 -16.16
N GLU A 105 -2.39 -2.49 -15.18
CA GLU A 105 -3.21 -1.29 -15.32
C GLU A 105 -2.33 -0.06 -15.56
N ILE A 106 -2.85 0.89 -16.34
CA ILE A 106 -2.12 2.13 -16.60
C ILE A 106 -2.28 3.10 -15.43
N PRO A 107 -1.20 3.56 -14.81
CA PRO A 107 -1.32 4.45 -13.66
C PRO A 107 -1.60 5.88 -14.08
N VAL A 108 -2.01 6.68 -13.09
CA VAL A 108 -2.21 8.12 -13.30
C VAL A 108 -1.09 8.98 -12.70
N ALA A 109 -0.17 8.38 -11.94
CA ALA A 109 0.91 9.07 -11.28
C ALA A 109 1.76 8.00 -10.62
N TYR A 110 2.88 8.42 -10.04
CA TYR A 110 3.75 7.56 -9.26
C TYR A 110 3.98 8.24 -7.93
N ARG A 111 3.99 7.45 -6.87
CA ARG A 111 4.15 7.96 -5.51
C ARG A 111 5.45 7.40 -4.95
N LYS A 112 6.38 8.30 -4.62
CA LYS A 112 7.67 7.90 -4.08
C LYS A 112 7.58 7.66 -2.58
N VAL A 113 7.97 6.47 -2.11
CA VAL A 113 7.89 6.14 -0.69
C VAL A 113 9.19 5.48 -0.24
N LEU A 114 9.42 5.57 1.07
CA LEU A 114 10.55 4.86 1.73
C LEU A 114 9.83 3.90 2.68
N LEU A 115 9.79 2.64 2.32
CA LEU A 115 8.92 1.68 2.99
C LEU A 115 9.66 0.91 4.06
N ARG A 116 9.11 0.88 5.27
CA ARG A 116 9.69 0.06 6.35
C ARG A 116 9.42 -1.42 6.08
N LYS A 117 10.47 -2.23 5.93
CA LYS A 117 10.33 -3.69 5.74
C LYS A 117 10.15 -4.25 7.16
N ASN A 118 9.17 -5.12 7.36
CA ASN A 118 8.73 -5.53 8.71
C ASN A 118 8.61 -4.23 9.52
C1 A1H0M B . 9.88 -8.34 3.38
C2 A1H0M B . 9.23 -6.58 2.13
C3 A1H0M B . 8.51 -5.46 1.74
C4 A1H0M B . 8.88 -4.76 0.61
C5 A1H0M B . 9.97 -5.18 -0.13
C6 A1H0M B . 10.71 -6.31 0.22
C7 A1H0M B . 10.33 -7.01 1.35
N1 A1H0M B . 9.92 -9.16 4.41
N2 A1H0M B . 8.96 -7.39 3.28
S1 A1H0M B . 11.01 -8.42 2.08
BR1 A1H0M B . 10.45 -4.21 -1.69
#